data_4WQP
#
_entry.id   4WQP
#
_cell.length_a   99.735
_cell.length_b   99.735
_cell.length_c   129.606
_cell.angle_alpha   90.00
_cell.angle_beta   90.00
_cell.angle_gamma   120.00
#
_symmetry.space_group_name_H-M   'P 61'
#
loop_
_entity.id
_entity.type
_entity.pdbx_description
1 polymer 'Nuclear receptor ROR-gamma'
2 polymer VAL-GLU-ARG-LEU-GLN-ILE-PHE-GLN-HIS-LEU-HIS-PRO-ILE
3 non-polymer N-[4-(4-acetylpiperazin-1-yl)benzyl]-N-(2-methylpropyl)-1-phenylmethanesulfonamide
4 non-polymer 'SULFATE ION'
5 water water
#
loop_
_entity_poly.entity_id
_entity_poly.type
_entity_poly.pdbx_seq_one_letter_code
_entity_poly.pdbx_strand_id
1 'polypeptide(L)'
;MHHHHHHGENLYFQGSAPYASLTEIEHLVQSVCKSYRETCQLRLEDLLRQRSNIFSREEVTGYQRKSMWEMWERCAHHLT
EAIQYVVEFAKRLSGFMELCQNDQIVLLKAGAMEVVLVRMCRAYNADNRTVFFEGKYGGMELFRALGCSELISSIFDFSH
SLSALHFSEDEIALYTALVLINAHRPGLQEKRKVEQLQYNLELAFHHHLCKTHRQSILAKLPPKGKLRSLCSQHVERLQI
FQHLHPIVVQAAFPPLYKELFSGNS
;
A,B
2 'polypeptide(L)' VERLQIFQHLHPI P
#
loop_
_chem_comp.id
_chem_comp.type
_chem_comp.name
_chem_comp.formula
3SX non-polymer N-[4-(4-acetylpiperazin-1-yl)benzyl]-N-(2-methylpropyl)-1-phenylmethanesulfonamide 'C24 H33 N3 O3 S'
SO4 non-polymer 'SULFATE ION' 'O4 S -2'
#
# COMPACT_ATOMS: atom_id res chain seq x y z
N ALA A 20 33.08 -9.83 -9.00
CA ALA A 20 32.74 -10.54 -7.74
C ALA A 20 33.49 -11.87 -7.60
N SER A 21 33.86 -12.21 -6.37
CA SER A 21 34.53 -13.47 -6.04
C SER A 21 33.52 -14.55 -5.66
N LEU A 22 33.97 -15.79 -5.56
CA LEU A 22 33.09 -16.91 -5.18
C LEU A 22 32.51 -16.74 -3.77
N THR A 23 33.24 -16.07 -2.90
CA THR A 23 32.76 -15.71 -1.56
C THR A 23 31.65 -14.66 -1.63
N GLU A 24 31.84 -13.65 -2.46
CA GLU A 24 30.85 -12.60 -2.68
C GLU A 24 29.61 -13.16 -3.35
N ILE A 25 29.79 -14.07 -4.29
CA ILE A 25 28.66 -14.71 -4.98
C ILE A 25 27.88 -15.51 -3.94
N GLU A 26 28.60 -16.29 -3.13
CA GLU A 26 27.95 -17.13 -2.11
C GLU A 26 27.24 -16.30 -1.05
N HIS A 27 27.82 -15.14 -0.72
CA HIS A 27 27.16 -14.18 0.17
C HIS A 27 25.86 -13.64 -0.44
N LEU A 28 25.89 -13.33 -1.73
CA LEU A 28 24.66 -12.90 -2.43
C LEU A 28 23.59 -14.00 -2.42
N VAL A 29 23.99 -15.24 -2.69
CA VAL A 29 23.07 -16.39 -2.61
C VAL A 29 22.40 -16.44 -1.23
N GLN A 30 23.21 -16.45 -0.18
CA GLN A 30 22.71 -16.59 1.20
C GLN A 30 21.78 -15.44 1.53
N SER A 31 22.13 -14.24 1.05
CA SER A 31 21.35 -13.04 1.30
C SER A 31 19.98 -13.10 0.61
N VAL A 32 19.96 -13.53 -0.65
CA VAL A 32 18.71 -13.63 -1.40
C VAL A 32 17.79 -14.66 -0.74
N CYS A 33 18.38 -15.78 -0.31
CA CYS A 33 17.62 -16.87 0.29
C CYS A 33 17.04 -16.47 1.65
N LYS A 34 17.77 -15.66 2.41
CA LYS A 34 17.27 -15.13 3.68
C LYS A 34 16.13 -14.14 3.45
N SER A 35 16.30 -13.25 2.47
CA SER A 35 15.28 -12.29 2.09
C SER A 35 13.97 -12.99 1.72
N TYR A 36 14.08 -14.08 0.95
CA TYR A 36 12.89 -14.84 0.59
C TYR A 36 12.24 -15.51 1.81
N ARG A 37 13.09 -16.12 2.64
CA ARG A 37 12.60 -16.79 3.84
C ARG A 37 11.81 -15.82 4.72
N GLU A 38 12.29 -14.58 4.80
CA GLU A 38 11.66 -13.57 5.64
C GLU A 38 10.38 -12.97 5.03
N THR A 39 10.22 -13.08 3.72
CA THR A 39 9.11 -12.43 3.02
C THR A 39 8.25 -13.43 2.23
N CYS A 40 8.41 -14.73 2.49
CA CYS A 40 7.71 -15.73 1.68
C CYS A 40 6.19 -15.76 1.94
N GLN A 41 5.75 -15.01 2.96
CA GLN A 41 4.33 -14.82 3.31
C GLN A 41 3.73 -16.04 3.98
N LEU A 42 3.73 -17.16 3.28
CA LEU A 42 3.30 -18.43 3.87
C LEU A 42 4.47 -19.39 3.88
N ARG A 43 4.71 -20.02 5.03
CA ARG A 43 5.81 -20.98 5.20
C ARG A 43 5.49 -22.26 4.45
N LEU A 44 6.49 -22.82 3.78
CA LEU A 44 6.28 -24.05 3.01
C LEU A 44 5.77 -25.17 3.91
N GLU A 45 6.33 -25.26 5.12
CA GLU A 45 5.94 -26.28 6.10
C GLU A 45 4.45 -26.25 6.38
N ASP A 46 3.90 -25.03 6.52
CA ASP A 46 2.48 -24.83 6.80
C ASP A 46 1.59 -25.17 5.61
N LEU A 47 2.01 -24.75 4.41
CA LEU A 47 1.32 -25.08 3.17
C LEU A 47 1.21 -26.59 2.96
N LEU A 48 2.30 -27.31 3.22
CA LEU A 48 2.34 -28.76 3.05
C LEU A 48 1.46 -29.47 4.07
N ARG A 49 1.55 -29.04 5.33
CA ARG A 49 0.80 -29.68 6.41
C ARG A 49 -0.71 -29.50 6.22
N GLN A 50 -1.09 -28.40 5.59
CA GLN A 50 -2.51 -28.09 5.38
C GLN A 50 -3.12 -28.75 4.13
N ARG A 51 -2.30 -29.46 3.36
CA ARG A 51 -2.77 -30.11 2.13
C ARG A 51 -3.96 -31.05 2.36
N SER A 52 -4.01 -31.67 3.55
CA SER A 52 -5.11 -32.56 3.91
C SER A 52 -6.41 -31.81 4.21
N ASN A 53 -6.30 -30.48 4.39
CA ASN A 53 -7.43 -29.63 4.73
C ASN A 53 -8.08 -29.05 3.47
N ILE A 54 -9.14 -29.71 3.02
CA ILE A 54 -9.73 -29.43 1.70
C ILE A 54 -11.19 -28.98 1.85
N PHE A 55 -11.61 -28.00 1.06
CA PHE A 55 -13.01 -27.56 1.08
C PHE A 55 -13.96 -28.72 0.78
N SER A 56 -14.98 -28.86 1.62
CA SER A 56 -16.03 -29.85 1.39
C SER A 56 -16.92 -29.40 0.23
N ARG A 57 -17.74 -30.32 -0.28
CA ARG A 57 -18.70 -30.02 -1.35
C ARG A 57 -19.57 -28.81 -1.05
N GLU A 58 -20.09 -28.74 0.18
CA GLU A 58 -20.95 -27.63 0.60
C GLU A 58 -20.20 -26.31 0.69
N GLU A 59 -18.92 -26.37 1.08
CA GLU A 59 -18.10 -25.17 1.13
C GLU A 59 -17.80 -24.65 -0.27
N VAL A 60 -17.52 -25.55 -1.22
CA VAL A 60 -17.30 -25.18 -2.62
C VAL A 60 -18.58 -24.54 -3.21
N THR A 61 -19.73 -25.17 -2.97
CA THR A 61 -21.02 -24.62 -3.39
C THR A 61 -21.22 -23.22 -2.83
N GLY A 62 -20.84 -23.03 -1.55
CA GLY A 62 -20.92 -21.75 -0.89
C GLY A 62 -20.12 -20.68 -1.64
N TYR A 63 -18.91 -21.03 -2.05
CA TYR A 63 -18.08 -20.12 -2.86
C TYR A 63 -18.66 -19.85 -4.25
N GLN A 64 -19.18 -20.90 -4.88
CA GLN A 64 -19.78 -20.79 -6.22
C GLN A 64 -21.00 -19.89 -6.22
N ARG A 65 -21.69 -19.77 -5.09
CA ARG A 65 -22.92 -19.00 -5.00
C ARG A 65 -22.67 -17.52 -4.78
N LYS A 66 -21.47 -17.19 -4.32
CA LYS A 66 -21.07 -15.81 -4.08
C LYS A 66 -21.07 -15.03 -5.38
N SER A 67 -21.40 -13.75 -5.30
CA SER A 67 -21.34 -12.89 -6.47
C SER A 67 -19.92 -12.81 -7.00
N MET A 68 -19.81 -12.59 -8.31
CA MET A 68 -18.51 -12.28 -8.91
C MET A 68 -17.87 -11.11 -8.14
N TRP A 69 -18.70 -10.22 -7.60
CA TRP A 69 -18.21 -9.05 -6.89
C TRP A 69 -17.59 -9.38 -5.56
N GLU A 70 -18.18 -10.35 -4.86
CA GLU A 70 -17.62 -10.79 -3.59
C GLU A 70 -16.32 -11.56 -3.80
N MET A 71 -16.32 -12.41 -4.83
CA MET A 71 -15.12 -13.20 -5.15
C MET A 71 -14.01 -12.27 -5.63
N TRP A 72 -14.37 -11.23 -6.39
CA TRP A 72 -13.40 -10.21 -6.74
C TRP A 72 -12.78 -9.54 -5.50
N GLU A 73 -13.58 -9.05 -4.57
CA GLU A 73 -13.00 -8.37 -3.41
C GLU A 73 -12.11 -9.29 -2.54
N ARG A 74 -12.51 -10.55 -2.39
CA ARG A 74 -11.68 -11.55 -1.69
C ARG A 74 -10.37 -11.77 -2.41
N CYS A 75 -10.46 -12.01 -3.71
CA CYS A 75 -9.28 -12.24 -4.53
C CYS A 75 -8.38 -11.00 -4.59
N ALA A 76 -8.99 -9.83 -4.71
CA ALA A 76 -8.27 -8.56 -4.70
C ALA A 76 -7.48 -8.40 -3.40
N HIS A 77 -8.12 -8.68 -2.28
CA HIS A 77 -7.47 -8.64 -0.97
C HIS A 77 -6.25 -9.57 -0.90
N HIS A 78 -6.44 -10.82 -1.31
CA HIS A 78 -5.33 -11.78 -1.28
C HIS A 78 -4.19 -11.43 -2.25
N LEU A 79 -4.53 -10.90 -3.41
CA LEU A 79 -3.51 -10.47 -4.36
C LEU A 79 -2.71 -9.27 -3.88
N THR A 80 -3.41 -8.31 -3.29
CA THR A 80 -2.79 -7.09 -2.77
C THR A 80 -1.82 -7.47 -1.65
N GLU A 81 -2.27 -8.33 -0.74
CA GLU A 81 -1.40 -8.84 0.31
C GLU A 81 -0.17 -9.54 -0.27
N ALA A 82 -0.36 -10.40 -1.28
CA ALA A 82 0.76 -11.13 -1.89
C ALA A 82 1.78 -10.17 -2.51
N ILE A 83 1.28 -9.16 -3.22
CA ILE A 83 2.14 -8.12 -3.81
C ILE A 83 2.98 -7.39 -2.74
N GLN A 84 2.33 -7.06 -1.62
CA GLN A 84 2.99 -6.39 -0.50
C GLN A 84 4.24 -7.16 -0.10
N TYR A 85 4.11 -8.48 0.03
CA TYR A 85 5.25 -9.32 0.41
C TYR A 85 6.32 -9.37 -0.66
N VAL A 86 5.92 -9.31 -1.93
CA VAL A 86 6.89 -9.27 -3.06
C VAL A 86 7.69 -7.97 -3.06
N VAL A 87 7.00 -6.85 -2.82
CA VAL A 87 7.67 -5.56 -2.66
C VAL A 87 8.68 -5.62 -1.50
N GLU A 88 8.27 -6.17 -0.36
CA GLU A 88 9.18 -6.34 0.79
CA GLU A 88 9.20 -6.32 0.79
C GLU A 88 10.43 -7.15 0.39
N PHE A 89 10.19 -8.25 -0.33
CA PHE A 89 11.28 -9.08 -0.87
C PHE A 89 12.24 -8.24 -1.71
N ALA A 90 11.68 -7.46 -2.64
CA ALA A 90 12.50 -6.59 -3.49
C ALA A 90 13.34 -5.63 -2.64
N LYS A 91 12.69 -4.97 -1.67
CA LYS A 91 13.38 -3.98 -0.85
C LYS A 91 14.57 -4.57 -0.09
N ARG A 92 14.54 -5.89 0.12
CA ARG A 92 15.61 -6.59 0.82
C ARG A 92 16.74 -7.12 -0.07
N LEU A 93 16.53 -7.08 -1.39
CA LEU A 93 17.54 -7.53 -2.34
C LEU A 93 18.69 -6.57 -2.45
N SER A 94 19.90 -7.11 -2.28
CA SER A 94 21.11 -6.32 -2.31
C SER A 94 21.12 -5.48 -3.58
N GLY A 95 21.24 -4.18 -3.41
CA GLY A 95 21.32 -3.26 -4.55
C GLY A 95 20.01 -2.65 -4.98
N PHE A 96 18.88 -3.32 -4.72
CA PHE A 96 17.57 -2.81 -5.17
C PHE A 96 17.30 -1.42 -4.63
N MET A 97 17.51 -1.23 -3.33
CA MET A 97 17.28 0.06 -2.69
C MET A 97 18.26 1.14 -3.17
N GLU A 98 19.38 0.73 -3.76
CA GLU A 98 20.36 1.68 -4.29
C GLU A 98 20.01 2.21 -5.68
N LEU A 99 19.08 1.53 -6.36
CA LEU A 99 18.55 2.02 -7.62
C LEU A 99 17.71 3.27 -7.34
N CYS A 100 17.62 4.17 -8.32
CA CYS A 100 16.76 5.34 -8.21
C CYS A 100 15.30 4.94 -8.02
N GLN A 101 14.50 5.85 -7.48
CA GLN A 101 13.09 5.56 -7.18
C GLN A 101 12.30 5.16 -8.43
N ASN A 102 12.52 5.87 -9.54
CA ASN A 102 11.86 5.52 -10.80
C ASN A 102 12.07 4.07 -11.25
N ASP A 103 13.30 3.58 -11.11
CA ASP A 103 13.64 2.22 -11.52
C ASP A 103 13.08 1.14 -10.61
N GLN A 104 13.07 1.41 -9.30
CA GLN A 104 12.40 0.51 -8.35
C GLN A 104 10.93 0.32 -8.74
N ILE A 105 10.29 1.42 -9.11
CA ILE A 105 8.88 1.39 -9.51
C ILE A 105 8.73 0.62 -10.83
N VAL A 106 9.57 0.94 -11.82
CA VAL A 106 9.53 0.26 -13.11
C VAL A 106 9.62 -1.26 -12.91
N LEU A 107 10.62 -1.71 -12.15
CA LEU A 107 10.85 -3.14 -11.96
C LEU A 107 9.68 -3.85 -11.26
N LEU A 108 9.10 -3.20 -10.27
CA LEU A 108 8.04 -3.82 -9.48
C LEU A 108 6.72 -3.76 -10.23
N LYS A 109 6.50 -2.66 -10.96
CA LYS A 109 5.29 -2.54 -11.77
C LYS A 109 5.28 -3.68 -12.79
N ALA A 110 6.42 -3.94 -13.41
CA ALA A 110 6.53 -4.96 -14.45
C ALA A 110 6.57 -6.39 -13.92
N GLY A 111 7.09 -6.58 -12.71
CA GLY A 111 7.42 -7.92 -12.25
C GLY A 111 6.74 -8.47 -11.01
N ALA A 112 6.15 -7.60 -10.18
CA ALA A 112 5.60 -8.06 -8.91
C ALA A 112 4.50 -9.12 -9.07
N MET A 113 3.56 -8.90 -9.99
CA MET A 113 2.50 -9.89 -10.25
C MET A 113 3.05 -11.20 -10.88
N GLU A 114 4.08 -11.08 -11.72
CA GLU A 114 4.81 -12.27 -12.22
C GLU A 114 5.43 -13.09 -11.09
N VAL A 115 6.02 -12.43 -10.09
CA VAL A 115 6.53 -13.13 -8.90
C VAL A 115 5.41 -13.79 -8.10
N VAL A 116 4.27 -13.10 -7.94
CA VAL A 116 3.11 -13.70 -7.27
C VAL A 116 2.69 -15.01 -7.96
N LEU A 117 2.66 -15.01 -9.29
CA LEU A 117 2.28 -16.21 -10.04
C LEU A 117 3.28 -17.36 -9.85
N VAL A 118 4.56 -17.04 -9.80
CA VAL A 118 5.59 -18.04 -9.50
C VAL A 118 5.45 -18.54 -8.05
N ARG A 119 5.35 -17.62 -7.08
CA ARG A 119 5.17 -17.98 -5.67
C ARG A 119 3.96 -18.91 -5.44
N MET A 120 2.92 -18.74 -6.25
CA MET A 120 1.71 -19.55 -6.14
C MET A 120 1.93 -21.06 -6.24
N CYS A 121 2.97 -21.49 -6.97
CA CYS A 121 3.24 -22.93 -7.09
C CYS A 121 3.47 -23.62 -5.74
N ARG A 122 3.99 -22.90 -4.74
CA ARG A 122 4.20 -23.49 -3.41
C ARG A 122 2.87 -23.84 -2.73
N ALA A 123 1.84 -23.07 -3.08
CA ALA A 123 0.52 -23.20 -2.46
C ALA A 123 -0.40 -24.07 -3.30
N TYR A 124 0.20 -24.76 -4.27
CA TYR A 124 -0.54 -25.60 -5.20
C TYR A 124 -0.18 -27.05 -4.92
N ASN A 125 -1.21 -27.90 -4.87
CA ASN A 125 -1.03 -29.34 -4.72
C ASN A 125 -1.32 -30.07 -6.05
N ALA A 126 -0.27 -30.56 -6.69
CA ALA A 126 -0.38 -31.28 -7.95
C ALA A 126 -1.15 -32.59 -7.82
N ASP A 127 -1.12 -33.18 -6.62
CA ASP A 127 -1.78 -34.47 -6.39
C ASP A 127 -3.25 -34.42 -6.72
N ASN A 128 -3.92 -33.35 -6.29
CA ASN A 128 -5.36 -33.23 -6.52
C ASN A 128 -5.77 -31.93 -7.21
N ARG A 129 -4.79 -31.22 -7.77
CA ARG A 129 -5.02 -29.95 -8.46
C ARG A 129 -5.81 -28.94 -7.64
N THR A 130 -5.34 -28.65 -6.43
CA THR A 130 -5.98 -27.68 -5.56
C THR A 130 -4.99 -26.56 -5.19
N VAL A 131 -5.52 -25.42 -4.77
CA VAL A 131 -4.70 -24.29 -4.34
C VAL A 131 -5.15 -23.85 -2.95
N PHE A 132 -4.20 -23.42 -2.12
CA PHE A 132 -4.52 -22.88 -0.78
C PHE A 132 -5.19 -21.51 -0.88
N PHE A 133 -6.45 -21.43 -0.44
CA PHE A 133 -7.24 -20.21 -0.56
C PHE A 133 -8.13 -20.08 0.66
N GLU A 134 -7.95 -18.97 1.38
CA GLU A 134 -8.72 -18.67 2.58
C GLU A 134 -8.76 -19.86 3.56
N GLY A 135 -7.62 -20.49 3.76
CA GLY A 135 -7.45 -21.44 4.84
C GLY A 135 -7.61 -22.90 4.51
N LYS A 136 -8.04 -23.23 3.29
CA LYS A 136 -8.17 -24.62 2.89
C LYS A 136 -7.80 -24.78 1.43
N TYR A 137 -7.67 -26.02 0.95
CA TYR A 137 -7.35 -26.25 -0.45
C TYR A 137 -8.62 -26.43 -1.28
N GLY A 138 -8.67 -25.78 -2.44
CA GLY A 138 -9.83 -25.93 -3.34
C GLY A 138 -9.40 -26.01 -4.79
N GLY A 139 -10.21 -26.64 -5.62
CA GLY A 139 -9.90 -26.76 -7.03
C GLY A 139 -10.33 -25.54 -7.81
N MET A 140 -10.14 -25.60 -9.13
CA MET A 140 -10.48 -24.44 -9.96
C MET A 140 -11.97 -24.09 -9.92
N GLU A 141 -12.83 -25.09 -9.67
CA GLU A 141 -14.29 -24.85 -9.62
C GLU A 141 -14.73 -23.94 -8.46
N LEU A 142 -13.89 -23.80 -7.43
CA LEU A 142 -14.13 -22.86 -6.34
C LEU A 142 -14.37 -21.43 -6.84
N PHE A 143 -13.71 -21.09 -7.96
CA PHE A 143 -13.71 -19.72 -8.50
C PHE A 143 -14.72 -19.49 -9.61
N ARG A 144 -15.66 -20.42 -9.74
CA ARG A 144 -16.67 -20.39 -10.80
C ARG A 144 -17.36 -19.04 -11.00
N ALA A 145 -17.75 -18.40 -9.89
CA ALA A 145 -18.50 -17.14 -9.96
C ALA A 145 -17.78 -16.00 -10.70
N LEU A 146 -16.46 -16.07 -10.76
CA LEU A 146 -15.68 -15.09 -11.50
C LEU A 146 -15.96 -15.10 -13.01
N GLY A 147 -16.36 -16.25 -13.54
CA GLY A 147 -16.65 -16.37 -14.99
C GLY A 147 -15.39 -16.17 -15.81
N CYS A 148 -14.25 -16.59 -15.25
CA CYS A 148 -12.94 -16.49 -15.88
CA CYS A 148 -12.94 -16.49 -15.88
C CYS A 148 -12.28 -17.87 -15.94
N SER A 149 -13.03 -18.88 -16.39
CA SER A 149 -12.51 -20.25 -16.31
C SER A 149 -11.24 -20.49 -17.10
N GLU A 150 -11.11 -19.85 -18.26
CA GLU A 150 -9.91 -20.00 -19.10
C GLU A 150 -8.66 -19.47 -18.40
N LEU A 151 -8.76 -18.26 -17.86
CA LEU A 151 -7.68 -17.70 -17.07
C LEU A 151 -7.37 -18.55 -15.83
N ILE A 152 -8.38 -18.97 -15.08
CA ILE A 152 -8.14 -19.76 -13.85
C ILE A 152 -7.45 -21.07 -14.21
N SER A 153 -7.95 -21.73 -15.26
CA SER A 153 -7.34 -22.96 -15.72
C SER A 153 -5.87 -22.78 -16.15
N SER A 154 -5.57 -21.69 -16.85
CA SER A 154 -4.18 -21.36 -17.23
C SER A 154 -3.27 -21.15 -16.01
N ILE A 155 -3.78 -20.47 -14.99
CA ILE A 155 -3.00 -20.30 -13.75
C ILE A 155 -2.73 -21.63 -13.07
N PHE A 156 -3.74 -22.49 -13.00
CA PHE A 156 -3.58 -23.84 -12.44
C PHE A 156 -2.58 -24.67 -13.24
N ASP A 157 -2.68 -24.62 -14.57
CA ASP A 157 -1.76 -25.36 -15.46
C ASP A 157 -0.32 -24.91 -15.28
N PHE A 158 -0.13 -23.58 -15.20
CA PHE A 158 1.18 -22.99 -14.95
C PHE A 158 1.74 -23.50 -13.63
N SER A 159 0.96 -23.43 -12.56
CA SER A 159 1.39 -23.90 -11.25
C SER A 159 1.71 -25.39 -11.25
N HIS A 160 0.91 -26.15 -12.01
CA HIS A 160 1.13 -27.60 -12.13
C HIS A 160 2.49 -27.87 -12.80
N SER A 161 2.77 -27.16 -13.90
CA SER A 161 4.08 -27.20 -14.57
C SER A 161 5.25 -26.91 -13.63
N LEU A 162 5.13 -25.86 -12.83
CA LEU A 162 6.17 -25.50 -11.87
C LEU A 162 6.32 -26.51 -10.72
N SER A 163 5.21 -27.09 -10.28
CA SER A 163 5.25 -28.06 -9.20
CA SER A 163 5.23 -28.08 -9.20
C SER A 163 5.99 -29.33 -9.63
N ALA A 164 5.96 -29.61 -10.93
CA ALA A 164 6.65 -30.81 -11.44
C ALA A 164 8.17 -30.71 -11.25
N LEU A 165 8.67 -29.50 -11.05
CA LEU A 165 10.11 -29.24 -10.87
C LEU A 165 10.60 -29.43 -9.43
N HIS A 166 9.66 -29.47 -8.49
CA HIS A 166 9.97 -29.56 -7.06
C HIS A 166 10.94 -28.47 -6.65
N PHE A 167 10.61 -27.24 -7.04
CA PHE A 167 11.39 -26.07 -6.67
C PHE A 167 11.72 -26.06 -5.21
N SER A 168 12.99 -25.93 -4.87
CA SER A 168 13.34 -25.70 -3.47
C SER A 168 13.00 -24.25 -3.09
N GLU A 169 12.99 -23.95 -1.80
CA GLU A 169 12.77 -22.58 -1.33
C GLU A 169 13.83 -21.64 -1.90
N ASP A 170 15.09 -22.09 -1.89
CA ASP A 170 16.16 -21.25 -2.37
C ASP A 170 16.13 -21.06 -3.89
N GLU A 171 15.70 -22.09 -4.63
CA GLU A 171 15.55 -21.94 -6.08
C GLU A 171 14.49 -20.89 -6.40
N ILE A 172 13.40 -20.92 -5.64
CA ILE A 172 12.34 -19.93 -5.78
C ILE A 172 12.86 -18.53 -5.48
N ALA A 173 13.61 -18.41 -4.37
CA ALA A 173 14.22 -17.14 -3.97
C ALA A 173 15.02 -16.55 -5.13
N LEU A 174 15.95 -17.34 -5.65
CA LEU A 174 16.87 -16.87 -6.69
C LEU A 174 16.16 -16.65 -8.04
N TYR A 175 15.29 -17.58 -8.40
CA TYR A 175 14.48 -17.43 -9.63
C TYR A 175 13.57 -16.19 -9.59
N THR A 176 12.87 -15.97 -8.48
CA THR A 176 12.00 -14.77 -8.39
C THR A 176 12.78 -13.46 -8.29
N ALA A 177 13.97 -13.50 -7.70
CA ALA A 177 14.82 -12.29 -7.73
C ALA A 177 15.11 -11.91 -9.18
N LEU A 178 15.33 -12.92 -10.02
CA LEU A 178 15.65 -12.67 -11.43
C LEU A 178 14.43 -12.31 -12.28
N VAL A 179 13.25 -12.72 -11.83
CA VAL A 179 12.02 -12.26 -12.46
C VAL A 179 11.95 -10.73 -12.32
N LEU A 180 12.24 -10.25 -11.12
CA LEU A 180 12.19 -8.83 -10.78
C LEU A 180 13.34 -8.04 -11.39
N ILE A 181 14.56 -8.55 -11.24
CA ILE A 181 15.73 -7.74 -11.64
C ILE A 181 16.08 -8.02 -13.09
N ASN A 182 15.38 -7.33 -13.98
CA ASN A 182 15.44 -7.56 -15.42
C ASN A 182 15.71 -6.23 -16.09
N ALA A 183 16.90 -6.12 -16.69
CA ALA A 183 17.37 -4.87 -17.29
C ALA A 183 16.69 -4.49 -18.60
N HIS A 184 15.81 -5.36 -19.09
CA HIS A 184 15.12 -5.09 -20.35
C HIS A 184 13.75 -4.44 -20.16
N ARG A 185 13.34 -4.20 -18.91
CA ARG A 185 12.06 -3.51 -18.64
C ARG A 185 12.11 -2.11 -19.20
N PRO A 186 11.13 -1.77 -20.06
CA PRO A 186 11.07 -0.42 -20.64
C PRO A 186 10.95 0.65 -19.56
N GLY A 187 11.64 1.78 -19.75
CA GLY A 187 11.50 2.92 -18.84
C GLY A 187 12.57 3.08 -17.78
N LEU A 188 13.51 2.13 -17.73
CA LEU A 188 14.64 2.21 -16.79
C LEU A 188 15.56 3.38 -17.11
N GLN A 189 15.89 4.16 -16.08
CA GLN A 189 16.75 5.33 -16.23
C GLN A 189 18.21 5.01 -15.95
N GLU A 190 18.47 3.96 -15.20
CA GLU A 190 19.83 3.49 -14.93
C GLU A 190 19.96 2.02 -15.35
N LYS A 191 19.78 1.77 -16.65
CA LYS A 191 19.77 0.41 -17.20
C LYS A 191 21.07 -0.34 -16.88
N ARG A 192 22.20 0.35 -16.97
CA ARG A 192 23.48 -0.28 -16.66
C ARG A 192 23.52 -0.81 -15.22
N LYS A 193 23.03 -0.04 -14.26
CA LYS A 193 23.00 -0.50 -12.86
C LYS A 193 22.17 -1.76 -12.71
N VAL A 194 21.02 -1.80 -13.39
CA VAL A 194 20.14 -2.96 -13.35
C VAL A 194 20.82 -4.18 -14.00
N GLU A 195 21.47 -3.96 -15.16
CA GLU A 195 22.27 -5.01 -15.84
C GLU A 195 23.28 -5.66 -14.90
N GLN A 196 24.05 -4.82 -14.19
CA GLN A 196 25.01 -5.27 -13.20
C GLN A 196 24.36 -6.14 -12.10
N LEU A 197 23.23 -5.69 -11.57
CA LEU A 197 22.52 -6.45 -10.54
C LEU A 197 21.98 -7.78 -11.08
N GLN A 198 21.40 -7.72 -12.27
CA GLN A 198 20.87 -8.91 -12.92
C GLN A 198 22.01 -9.92 -13.14
N TYR A 199 23.14 -9.46 -13.66
CA TYR A 199 24.27 -10.37 -13.91
C TYR A 199 24.78 -11.03 -12.64
N ASN A 200 24.90 -10.26 -11.56
CA ASN A 200 25.36 -10.81 -10.28
C ASN A 200 24.39 -11.85 -9.76
N LEU A 201 23.10 -11.62 -9.98
CA LEU A 201 22.05 -12.53 -9.54
C LEU A 201 22.02 -13.80 -10.40
N GLU A 202 22.38 -13.67 -11.67
CA GLU A 202 22.47 -14.84 -12.55
C GLU A 202 23.65 -15.71 -12.10
N LEU A 203 24.78 -15.07 -11.80
CA LEU A 203 25.94 -15.78 -11.24
C LEU A 203 25.55 -16.53 -9.96
N ALA A 204 24.88 -15.84 -9.05
CA ALA A 204 24.40 -16.43 -7.80
C ALA A 204 23.54 -17.66 -8.08
N PHE A 205 22.54 -17.51 -8.96
CA PHE A 205 21.62 -18.61 -9.28
C PHE A 205 22.36 -19.80 -9.88
N HIS A 206 23.21 -19.55 -10.87
CA HIS A 206 23.89 -20.63 -11.56
C HIS A 206 24.92 -21.31 -10.66
N HIS A 207 25.63 -20.50 -9.87
CA HIS A 207 26.57 -21.05 -8.88
C HIS A 207 25.85 -21.97 -7.89
N HIS A 208 24.74 -21.49 -7.34
CA HIS A 208 23.99 -22.29 -6.37
C HIS A 208 23.39 -23.58 -6.94
N LEU A 209 22.86 -23.52 -8.16
CA LEU A 209 22.41 -24.75 -8.85
C LEU A 209 23.54 -25.78 -8.96
N CYS A 210 24.75 -25.32 -9.29
CA CYS A 210 25.92 -26.19 -9.35
C CYS A 210 26.26 -26.83 -7.99
N LYS A 211 26.17 -26.02 -6.92
CA LYS A 211 26.49 -26.47 -5.57
C LYS A 211 25.45 -27.46 -5.04
N THR A 212 24.25 -27.42 -5.60
CA THR A 212 23.17 -28.30 -5.15
C THR A 212 22.86 -29.42 -6.17
N HIS A 213 23.70 -29.54 -7.19
CA HIS A 213 23.52 -30.52 -8.28
C HIS A 213 22.15 -30.36 -8.93
N ARG A 214 21.72 -29.10 -9.07
CA ARG A 214 20.42 -28.81 -9.66
C ARG A 214 20.47 -28.11 -11.03
N GLN A 215 21.61 -28.25 -11.73
CA GLN A 215 21.80 -27.71 -13.09
C GLN A 215 20.62 -28.05 -14.00
N SER A 216 20.05 -29.25 -13.81
CA SER A 216 18.97 -29.77 -14.63
C SER A 216 17.72 -28.90 -14.72
N ILE A 217 17.50 -28.02 -13.75
CA ILE A 217 16.24 -27.26 -13.76
C ILE A 217 16.20 -26.08 -14.75
N LEU A 218 17.36 -25.53 -15.12
CA LEU A 218 17.40 -24.33 -15.97
C LEU A 218 16.65 -24.54 -17.26
N ALA A 219 16.97 -25.62 -17.97
CA ALA A 219 16.30 -25.96 -19.23
C ALA A 219 14.80 -26.25 -19.03
N LYS A 220 14.39 -26.54 -17.80
CA LYS A 220 13.00 -26.91 -17.54
C LYS A 220 12.16 -25.72 -17.09
N LEU A 221 12.78 -24.57 -16.83
CA LEU A 221 12.05 -23.39 -16.40
C LEU A 221 11.14 -22.91 -17.54
N PRO A 222 10.01 -22.24 -17.20
CA PRO A 222 9.17 -21.77 -18.29
C PRO A 222 9.88 -20.64 -19.03
N PRO A 223 9.72 -20.58 -20.36
CA PRO A 223 10.30 -19.47 -21.12
C PRO A 223 9.78 -18.15 -20.57
N LYS A 224 10.64 -17.12 -20.56
CA LYS A 224 10.32 -15.81 -19.99
C LYS A 224 8.99 -15.27 -20.54
N GLY A 225 8.76 -15.57 -21.82
CA GLY A 225 7.52 -15.18 -22.51
C GLY A 225 6.24 -15.82 -22.01
N LYS A 226 6.36 -16.99 -21.37
CA LYS A 226 5.18 -17.71 -20.88
C LYS A 226 4.60 -17.01 -19.65
N LEU A 227 5.49 -16.61 -18.76
CA LEU A 227 5.12 -15.96 -17.52
C LEU A 227 4.53 -14.58 -17.83
N ARG A 228 5.20 -13.84 -18.71
CA ARG A 228 4.73 -12.53 -19.19
C ARG A 228 3.33 -12.64 -19.80
N SER A 229 3.15 -13.62 -20.67
CA SER A 229 1.87 -13.85 -21.35
C SER A 229 0.74 -14.12 -20.36
N LEU A 230 1.01 -14.98 -19.37
CA LEU A 230 0.03 -15.30 -18.34
C LEU A 230 -0.28 -14.09 -17.48
N CYS A 231 0.76 -13.35 -17.10
CA CYS A 231 0.58 -12.15 -16.30
C CYS A 231 -0.25 -11.11 -17.03
N SER A 232 0.01 -10.93 -18.33
CA SER A 232 -0.77 -10.01 -19.15
CA SER A 232 -0.77 -10.00 -19.16
C SER A 232 -2.26 -10.34 -19.16
N GLN A 233 -2.57 -11.64 -19.29
CA GLN A 233 -3.96 -12.11 -19.31
C GLN A 233 -4.60 -11.92 -17.93
N HIS A 234 -3.80 -12.18 -16.90
CA HIS A 234 -4.21 -12.00 -15.51
C HIS A 234 -4.56 -10.53 -15.22
N VAL A 235 -3.60 -9.63 -15.45
CA VAL A 235 -3.77 -8.18 -15.26
C VAL A 235 -5.00 -7.60 -15.98
N GLU A 236 -5.21 -8.02 -17.22
CA GLU A 236 -6.37 -7.56 -18.00
C GLU A 236 -7.68 -7.86 -17.26
N ARG A 237 -7.78 -9.07 -16.73
CA ARG A 237 -8.96 -9.44 -15.97
C ARG A 237 -9.07 -8.66 -14.66
N LEU A 238 -7.92 -8.41 -14.02
CA LEU A 238 -7.89 -7.65 -12.77
C LEU A 238 -8.35 -6.20 -12.96
N GLN A 239 -7.87 -5.58 -14.04
CA GLN A 239 -8.21 -4.19 -14.37
C GLN A 239 -9.71 -4.00 -14.51
N ILE A 240 -10.38 -4.97 -15.14
CA ILE A 240 -11.82 -4.87 -15.39
C ILE A 240 -12.62 -4.89 -14.07
N PHE A 241 -12.18 -5.71 -13.13
CA PHE A 241 -12.78 -5.79 -11.80
C PHE A 241 -12.48 -4.54 -10.95
N GLN A 242 -11.21 -4.15 -10.89
CA GLN A 242 -10.76 -3.04 -10.02
C GLN A 242 -11.28 -1.67 -10.46
N HIS A 243 -11.61 -1.56 -11.75
CA HIS A 243 -12.19 -0.34 -12.32
C HIS A 243 -13.59 -0.05 -11.76
N LEU A 244 -14.34 -1.12 -11.48
CA LEU A 244 -15.70 -0.98 -10.98
C LEU A 244 -15.83 -1.20 -9.46
N HIS A 245 -14.81 -1.80 -8.86
CA HIS A 245 -14.90 -2.24 -7.45
C HIS A 245 -13.55 -2.15 -6.72
N PRO A 246 -13.08 -0.92 -6.40
CA PRO A 246 -11.81 -0.78 -5.68
C PRO A 246 -11.93 -1.12 -4.20
N ILE A 247 -10.82 -1.51 -3.57
CA ILE A 247 -10.84 -1.92 -2.16
C ILE A 247 -9.58 -1.51 -1.38
N VAL A 248 -9.78 -1.07 -0.14
CA VAL A 248 -8.70 -0.66 0.77
C VAL A 248 -8.18 -1.86 1.58
N VAL A 249 -6.87 -2.04 1.58
CA VAL A 249 -6.24 -3.23 2.19
C VAL A 249 -5.16 -2.85 3.19
N GLN A 250 -5.13 -3.59 4.32
CA GLN A 250 -4.08 -3.53 5.33
C GLN A 250 -2.68 -3.70 4.73
N ALA A 251 -1.69 -2.99 5.28
CA ALA A 251 -0.29 -3.13 4.85
C ALA A 251 0.56 -3.75 5.97
N ALA A 252 1.56 -4.53 5.59
CA ALA A 252 2.48 -5.15 6.56
C ALA A 252 3.87 -4.50 6.54
N PHE A 253 4.09 -3.57 7.46
CA PHE A 253 5.39 -2.93 7.64
C PHE A 253 6.37 -3.84 8.37
N SER B 21 -18.26 27.92 -15.29
CA SER B 21 -19.45 28.45 -14.58
C SER B 21 -19.41 28.11 -13.10
N LEU B 22 -20.13 28.88 -12.31
CA LEU B 22 -20.28 28.60 -10.88
C LEU B 22 -21.04 27.29 -10.62
N THR B 23 -21.91 26.90 -11.54
CA THR B 23 -22.65 25.62 -11.46
C THR B 23 -21.73 24.40 -11.43
N GLU B 24 -20.70 24.41 -12.27
CA GLU B 24 -19.74 23.33 -12.28
C GLU B 24 -18.89 23.37 -11.03
N ILE B 25 -18.65 24.57 -10.51
CA ILE B 25 -17.90 24.73 -9.26
C ILE B 25 -18.69 24.12 -8.10
N GLU B 26 -20.00 24.33 -8.10
CA GLU B 26 -20.85 23.73 -7.06
C GLU B 26 -20.85 22.20 -7.15
N HIS B 27 -20.74 21.67 -8.37
CA HIS B 27 -20.61 20.23 -8.58
CA HIS B 27 -20.61 20.22 -8.57
C HIS B 27 -19.29 19.72 -8.01
N LEU B 28 -18.23 20.52 -8.21
CA LEU B 28 -16.91 20.21 -7.67
C LEU B 28 -16.92 20.18 -6.15
N VAL B 29 -17.55 21.17 -5.52
CA VAL B 29 -17.76 21.14 -4.06
C VAL B 29 -18.41 19.85 -3.58
N GLN B 30 -19.54 19.50 -4.18
CA GLN B 30 -20.30 18.34 -3.75
C GLN B 30 -19.48 17.07 -3.87
N SER B 31 -18.73 16.97 -4.96
CA SER B 31 -17.87 15.83 -5.27
C SER B 31 -16.71 15.66 -4.28
N VAL B 32 -16.04 16.77 -3.95
CA VAL B 32 -14.94 16.76 -2.98
C VAL B 32 -15.49 16.33 -1.63
N CYS B 33 -16.65 16.88 -1.26
CA CYS B 33 -17.29 16.53 -0.01
C CYS B 33 -17.74 15.07 0.04
N LYS B 34 -18.23 14.55 -1.10
CA LYS B 34 -18.60 13.13 -1.16
C LYS B 34 -17.36 12.25 -1.03
N SER B 35 -16.28 12.63 -1.71
CA SER B 35 -15.04 11.90 -1.64
CA SER B 35 -15.03 11.90 -1.63
C SER B 35 -14.52 11.81 -0.20
N TYR B 36 -14.58 12.93 0.52
CA TYR B 36 -14.13 12.95 1.91
C TYR B 36 -15.02 12.06 2.79
N ARG B 37 -16.34 12.16 2.61
CA ARG B 37 -17.29 11.34 3.37
C ARG B 37 -17.00 9.84 3.16
N GLU B 38 -16.64 9.46 1.94
CA GLU B 38 -16.36 8.06 1.64
C GLU B 38 -14.96 7.62 2.08
N THR B 39 -14.07 8.56 2.40
CA THR B 39 -12.70 8.20 2.71
C THR B 39 -12.21 8.77 4.04
N CYS B 40 -13.12 9.29 4.86
CA CYS B 40 -12.69 9.98 6.10
C CYS B 40 -12.11 9.02 7.14
N GLN B 41 -12.20 7.72 6.85
CA GLN B 41 -11.65 6.63 7.67
C GLN B 41 -12.44 6.38 8.94
N LEU B 42 -12.54 7.39 9.79
CA LEU B 42 -13.41 7.31 10.96
C LEU B 42 -14.49 8.37 10.84
N ARG B 43 -15.73 7.98 11.13
CA ARG B 43 -16.85 8.91 11.00
C ARG B 43 -16.89 9.84 12.20
N LEU B 44 -17.22 11.11 11.95
CA LEU B 44 -17.25 12.13 13.00
C LEU B 44 -18.21 11.79 14.13
N GLU B 45 -19.36 11.22 13.78
CA GLU B 45 -20.36 10.83 14.77
C GLU B 45 -19.80 9.77 15.72
N ASP B 46 -19.02 8.84 15.16
CA ASP B 46 -18.38 7.78 15.94
C ASP B 46 -17.29 8.33 16.88
N LEU B 47 -16.46 9.23 16.34
CA LEU B 47 -15.41 9.89 17.12
C LEU B 47 -15.99 10.72 18.27
N LEU B 48 -17.09 11.41 18.01
CA LEU B 48 -17.73 12.25 19.02
C LEU B 48 -18.38 11.41 20.11
N ARG B 49 -18.95 10.26 19.72
CA ARG B 49 -19.65 9.37 20.65
C ARG B 49 -18.66 8.65 21.55
N GLN B 50 -17.51 8.29 20.99
CA GLN B 50 -16.47 7.57 21.74
C GLN B 50 -15.73 8.46 22.74
N ARG B 51 -16.02 9.76 22.77
CA ARG B 51 -15.29 10.72 23.62
C ARG B 51 -15.31 10.41 25.13
N SER B 52 -16.38 9.80 25.60
CA SER B 52 -16.48 9.40 27.01
C SER B 52 -15.64 8.15 27.31
N ASN B 53 -15.24 7.44 26.26
CA ASN B 53 -14.44 6.22 26.39
C ASN B 53 -12.93 6.55 26.44
N ILE B 54 -12.41 6.70 27.65
CA ILE B 54 -11.06 7.19 27.90
C ILE B 54 -10.20 6.12 28.59
N PHE B 55 -8.93 6.00 28.17
CA PHE B 55 -8.02 5.07 28.83
C PHE B 55 -7.93 5.29 30.33
N SER B 56 -8.07 4.20 31.08
CA SER B 56 -7.90 4.21 32.53
C SER B 56 -6.43 4.41 32.89
N ARG B 57 -6.16 4.77 34.14
CA ARG B 57 -4.79 4.96 34.62
C ARG B 57 -3.92 3.72 34.39
N GLU B 58 -4.52 2.53 34.49
CA GLU B 58 -3.80 1.25 34.34
C GLU B 58 -3.49 0.96 32.87
N GLU B 59 -4.40 1.34 31.99
CA GLU B 59 -4.21 1.18 30.56
C GLU B 59 -3.12 2.12 30.06
N VAL B 60 -3.12 3.36 30.56
CA VAL B 60 -2.09 4.37 30.24
C VAL B 60 -0.71 3.86 30.68
N THR B 61 -0.60 3.41 31.93
CA THR B 61 0.63 2.78 32.44
C THR B 61 1.08 1.63 31.54
N GLY B 62 0.12 0.81 31.12
CA GLY B 62 0.38 -0.27 30.17
C GLY B 62 1.04 0.19 28.88
N TYR B 63 0.53 1.26 28.28
CA TYR B 63 1.15 1.86 27.09
C TYR B 63 2.53 2.45 27.38
N GLN B 64 2.68 3.04 28.56
CA GLN B 64 3.93 3.70 28.94
C GLN B 64 5.04 2.67 29.15
N ARG B 65 4.66 1.44 29.52
CA ARG B 65 5.64 0.41 29.80
C ARG B 65 6.15 -0.29 28.56
N LYS B 66 5.41 -0.15 27.46
CA LYS B 66 5.77 -0.75 26.19
C LYS B 66 7.08 -0.19 25.68
N SER B 67 7.82 -1.01 24.94
CA SER B 67 9.08 -0.55 24.35
C SER B 67 8.79 0.55 23.34
N MET B 68 9.74 1.44 23.16
CA MET B 68 9.66 2.41 22.06
C MET B 68 9.43 1.68 20.73
N TRP B 69 10.08 0.53 20.56
CA TRP B 69 9.98 -0.23 19.32
C TRP B 69 8.59 -0.72 19.05
N GLU B 70 7.87 -1.10 20.11
CA GLU B 70 6.49 -1.51 19.97
C GLU B 70 5.57 -0.32 19.70
N MET B 71 5.75 0.77 20.44
CA MET B 71 4.92 1.97 20.21
C MET B 71 5.16 2.48 18.79
N TRP B 72 6.41 2.40 18.34
CA TRP B 72 6.74 2.75 16.97
C TRP B 72 5.96 1.90 15.99
N GLU B 73 6.00 0.58 16.15
CA GLU B 73 5.33 -0.27 15.18
C GLU B 73 3.80 -0.06 15.17
N ARG B 74 3.21 0.15 16.35
CA ARG B 74 1.79 0.50 16.44
C ARG B 74 1.48 1.81 15.71
N CYS B 75 2.23 2.86 16.02
CA CYS B 75 2.02 4.18 15.43
C CYS B 75 2.26 4.15 13.92
N ALA B 76 3.30 3.43 13.50
CA ALA B 76 3.59 3.27 12.08
C ALA B 76 2.40 2.62 11.36
N HIS B 77 1.80 1.61 11.99
CA HIS B 77 0.62 0.95 11.45
C HIS B 77 -0.52 1.95 11.26
N HIS B 78 -0.85 2.68 12.33
CA HIS B 78 -1.98 3.63 12.29
C HIS B 78 -1.74 4.73 11.28
N LEU B 79 -0.49 5.18 11.16
CA LEU B 79 -0.13 6.22 10.23
CA LEU B 79 -0.14 6.23 10.22
C LEU B 79 -0.25 5.75 8.78
N THR B 80 0.19 4.51 8.53
CA THR B 80 0.17 3.94 7.19
C THR B 80 -1.26 3.75 6.74
N GLU B 81 -2.10 3.26 7.66
CA GLU B 81 -3.53 3.16 7.40
C GLU B 81 -4.14 4.52 7.10
N ALA B 82 -3.79 5.55 7.88
CA ALA B 82 -4.33 6.88 7.65
C ALA B 82 -3.90 7.41 6.28
N ILE B 83 -2.64 7.21 5.91
CA ILE B 83 -2.16 7.63 4.60
C ILE B 83 -2.93 6.92 3.47
N GLN B 84 -3.21 5.64 3.62
CA GLN B 84 -3.97 4.91 2.60
C GLN B 84 -5.30 5.60 2.28
N TYR B 85 -6.02 6.00 3.34
CA TYR B 85 -7.30 6.69 3.17
C TYR B 85 -7.14 8.06 2.51
N VAL B 86 -6.04 8.75 2.80
CA VAL B 86 -5.74 10.01 2.16
C VAL B 86 -5.48 9.79 0.66
N VAL B 87 -4.74 8.73 0.34
CA VAL B 87 -4.52 8.37 -1.06
C VAL B 87 -5.86 8.06 -1.76
N GLU B 88 -6.71 7.29 -1.11
CA GLU B 88 -8.06 7.01 -1.66
C GLU B 88 -8.87 8.30 -1.88
N PHE B 89 -8.75 9.24 -0.94
CA PHE B 89 -9.39 10.56 -1.08
C PHE B 89 -8.90 11.27 -2.35
N ALA B 90 -7.58 11.30 -2.53
CA ALA B 90 -6.97 11.92 -3.70
C ALA B 90 -7.47 11.29 -4.99
N LYS B 91 -7.55 9.95 -5.00
CA LYS B 91 -7.94 9.21 -6.21
C LYS B 91 -9.36 9.54 -6.65
N ARG B 92 -10.18 9.99 -5.70
CA ARG B 92 -11.57 10.34 -5.99
C ARG B 92 -11.77 11.81 -6.32
N LEU B 93 -10.70 12.60 -6.25
CA LEU B 93 -10.78 14.03 -6.56
C LEU B 93 -10.80 14.27 -8.04
N SER B 94 -11.71 15.13 -8.45
CA SER B 94 -11.91 15.46 -9.86
C SER B 94 -10.61 15.99 -10.46
N GLY B 95 -10.12 15.31 -11.48
CA GLY B 95 -8.91 15.74 -12.15
C GLY B 95 -7.60 15.25 -11.58
N PHE B 96 -7.62 14.58 -10.43
CA PHE B 96 -6.37 14.02 -9.87
C PHE B 96 -5.89 12.83 -10.68
N MET B 97 -6.81 11.94 -11.05
CA MET B 97 -6.48 10.77 -11.87
C MET B 97 -6.17 11.16 -13.31
N GLU B 98 -6.56 12.37 -13.71
CA GLU B 98 -6.21 12.94 -15.02
C GLU B 98 -4.72 13.25 -15.07
N LEU B 99 -4.15 13.64 -13.93
CA LEU B 99 -2.73 13.99 -13.83
C LEU B 99 -1.83 12.81 -14.17
N CYS B 100 -0.65 13.10 -14.72
CA CYS B 100 0.32 12.06 -15.03
C CYS B 100 0.79 11.37 -13.75
N GLN B 101 1.26 10.13 -13.89
CA GLN B 101 1.62 9.31 -12.73
C GLN B 101 2.64 10.00 -11.83
N ASN B 102 3.71 10.56 -12.42
CA ASN B 102 4.73 11.30 -11.68
C ASN B 102 4.14 12.39 -10.76
N ASP B 103 3.23 13.18 -11.30
CA ASP B 103 2.65 14.30 -10.54
C ASP B 103 1.76 13.83 -9.40
N GLN B 104 0.98 12.79 -9.65
CA GLN B 104 0.17 12.16 -8.59
C GLN B 104 1.07 11.77 -7.41
N ILE B 105 2.21 11.18 -7.72
CA ILE B 105 3.15 10.73 -6.70
C ILE B 105 3.79 11.92 -5.99
N VAL B 106 4.28 12.89 -6.76
CA VAL B 106 4.83 14.12 -6.19
C VAL B 106 3.84 14.74 -5.21
N LEU B 107 2.62 14.98 -5.64
CA LEU B 107 1.60 15.61 -4.79
C LEU B 107 1.34 14.81 -3.50
N LEU B 108 1.14 13.51 -3.65
CA LEU B 108 0.85 12.68 -2.48
C LEU B 108 2.05 12.55 -1.55
N LYS B 109 3.25 12.41 -2.12
CA LYS B 109 4.41 12.24 -1.24
C LYS B 109 4.65 13.52 -0.43
N ALA B 110 4.37 14.67 -1.04
CA ALA B 110 4.54 15.97 -0.36
C ALA B 110 3.39 16.35 0.58
N GLY B 111 2.21 15.82 0.33
CA GLY B 111 1.02 16.30 1.03
C GLY B 111 0.26 15.34 1.92
N ALA B 112 0.46 14.04 1.75
CA ALA B 112 -0.38 13.06 2.42
C ALA B 112 -0.28 13.17 3.94
N MET B 113 0.94 13.35 4.42
CA MET B 113 1.24 13.45 5.84
C MET B 113 0.63 14.70 6.46
N GLU B 114 0.70 15.80 5.71
CA GLU B 114 0.05 17.05 6.09
C GLU B 114 -1.48 16.88 6.22
N VAL B 115 -2.09 16.15 5.29
CA VAL B 115 -3.52 15.82 5.36
C VAL B 115 -3.87 14.99 6.60
N VAL B 116 -3.05 13.97 6.89
CA VAL B 116 -3.25 13.16 8.11
C VAL B 116 -3.27 14.06 9.35
N LEU B 117 -2.31 14.97 9.43
CA LEU B 117 -2.20 15.88 10.58
CA LEU B 117 -2.20 15.88 10.56
C LEU B 117 -3.46 16.75 10.70
N VAL B 118 -3.95 17.26 9.57
CA VAL B 118 -5.19 18.05 9.57
C VAL B 118 -6.40 17.19 9.97
N ARG B 119 -6.52 16.00 9.36
CA ARG B 119 -7.60 15.05 9.71
C ARG B 119 -7.64 14.71 11.22
N MET B 120 -6.46 14.65 11.83
CA MET B 120 -6.31 14.34 13.26
C MET B 120 -7.19 15.20 14.17
N CYS B 121 -7.44 16.44 13.77
CA CYS B 121 -8.23 17.34 14.64
C CYS B 121 -9.63 16.79 14.95
N ARG B 122 -10.19 15.99 14.04
CA ARG B 122 -11.51 15.39 14.28
C ARG B 122 -11.44 14.37 15.40
N ALA B 123 -10.27 13.76 15.56
CA ALA B 123 -10.08 12.68 16.51
C ALA B 123 -9.49 13.19 17.82
N TYR B 124 -9.47 14.52 17.95
CA TYR B 124 -8.91 15.19 19.11
C TYR B 124 -10.03 15.85 19.91
N ASN B 125 -9.99 15.64 21.23
CA ASN B 125 -10.95 16.27 22.15
C ASN B 125 -10.27 17.39 22.93
N ALA B 126 -10.62 18.63 22.58
CA ALA B 126 -10.07 19.83 23.21
C ALA B 126 -10.44 20.00 24.68
N ASP B 127 -11.57 19.40 25.08
CA ASP B 127 -12.06 19.52 26.46
C ASP B 127 -11.12 18.91 27.49
N ASN B 128 -10.49 17.80 27.13
CA ASN B 128 -9.58 17.11 28.04
C ASN B 128 -8.23 16.76 27.41
N ARG B 129 -7.96 17.28 26.21
CA ARG B 129 -6.68 17.10 25.51
C ARG B 129 -6.32 15.64 25.28
N THR B 130 -7.25 14.92 24.66
CA THR B 130 -7.04 13.51 24.38
C THR B 130 -7.21 13.30 22.89
N VAL B 131 -6.61 12.24 22.39
CA VAL B 131 -6.76 11.86 20.99
C VAL B 131 -7.28 10.42 20.94
N PHE B 132 -8.06 10.10 19.92
CA PHE B 132 -8.58 8.75 19.74
C PHE B 132 -7.44 7.85 19.24
N PHE B 133 -7.09 6.84 20.03
CA PHE B 133 -5.95 5.97 19.71
C PHE B 133 -6.27 4.55 20.15
N GLU B 134 -6.30 3.62 19.20
CA GLU B 134 -6.57 2.20 19.47
C GLU B 134 -7.84 1.95 20.29
N GLY B 135 -8.92 2.63 19.91
CA GLY B 135 -10.23 2.37 20.53
C GLY B 135 -10.69 3.28 21.65
N LYS B 136 -9.78 4.05 22.26
CA LYS B 136 -10.14 4.93 23.36
C LYS B 136 -9.42 6.27 23.27
N TYR B 137 -9.87 7.26 24.02
CA TYR B 137 -9.15 8.53 24.08
C TYR B 137 -8.04 8.50 25.12
N GLY B 138 -6.89 9.05 24.76
CA GLY B 138 -5.77 9.17 25.71
C GLY B 138 -5.02 10.48 25.56
N GLY B 139 -4.37 10.92 26.64
CA GLY B 139 -3.58 12.14 26.63
C GLY B 139 -2.21 11.92 26.03
N MET B 140 -1.42 12.98 25.94
CA MET B 140 -0.10 12.83 25.34
C MET B 140 0.85 11.94 26.14
N GLU B 141 0.56 11.72 27.42
CA GLU B 141 1.40 10.88 28.27
C GLU B 141 1.29 9.40 27.90
N LEU B 142 0.25 9.04 27.15
CA LEU B 142 0.14 7.68 26.60
C LEU B 142 1.34 7.29 25.73
N PHE B 143 1.96 8.29 25.10
CA PHE B 143 3.02 8.09 24.11
C PHE B 143 4.42 8.26 24.68
N ARG B 144 4.52 8.21 26.01
CA ARG B 144 5.78 8.46 26.69
C ARG B 144 6.95 7.63 26.17
N ALA B 145 6.71 6.35 25.90
CA ALA B 145 7.80 5.44 25.55
C ALA B 145 8.56 5.81 24.27
N LEU B 146 7.91 6.55 23.39
CA LEU B 146 8.52 6.98 22.12
C LEU B 146 9.68 7.94 22.33
N GLY B 147 9.68 8.64 23.46
CA GLY B 147 10.77 9.55 23.80
CA GLY B 147 10.77 9.55 23.80
C GLY B 147 10.87 10.77 22.89
N CYS B 148 9.72 11.25 22.42
CA CYS B 148 9.70 12.48 21.65
C CYS B 148 8.51 13.32 22.08
N SER B 149 8.57 13.83 23.31
CA SER B 149 7.44 14.57 23.86
C SER B 149 7.30 15.96 23.21
N GLU B 150 8.40 16.51 22.71
CA GLU B 150 8.35 17.79 21.99
C GLU B 150 7.47 17.68 20.75
N LEU B 151 7.72 16.67 19.93
CA LEU B 151 6.90 16.39 18.75
C LEU B 151 5.44 16.11 19.11
N ILE B 152 5.21 15.20 20.06
CA ILE B 152 3.84 14.84 20.44
C ILE B 152 3.12 16.07 20.95
N SER B 153 3.82 16.86 21.77
CA SER B 153 3.26 18.11 22.28
C SER B 153 2.84 19.05 21.15
N SER B 154 3.70 19.18 20.13
CA SER B 154 3.41 20.01 18.95
C SER B 154 2.21 19.53 18.16
N ILE B 155 2.09 18.21 18.00
CA ILE B 155 0.93 17.63 17.31
C ILE B 155 -0.35 17.92 18.08
N PHE B 156 -0.28 17.80 19.41
CA PHE B 156 -1.45 18.02 20.27
C PHE B 156 -1.84 19.50 20.26
N ASP B 157 -0.84 20.38 20.30
CA ASP B 157 -1.07 21.84 20.21
C ASP B 157 -1.70 22.27 18.89
N PHE B 158 -1.21 21.68 17.79
CA PHE B 158 -1.76 21.99 16.46
C PHE B 158 -3.22 21.54 16.37
N SER B 159 -3.50 20.32 16.83
CA SER B 159 -4.87 19.80 16.81
C SER B 159 -5.76 20.64 17.67
N HIS B 160 -5.23 21.09 18.81
CA HIS B 160 -5.98 21.95 19.72
C HIS B 160 -6.37 23.25 19.01
N SER B 161 -5.42 23.84 18.29
CA SER B 161 -5.67 25.09 17.57
C SER B 161 -6.66 24.89 16.41
N LEU B 162 -6.55 23.77 15.71
CA LEU B 162 -7.52 23.46 14.67
C LEU B 162 -8.91 23.17 15.20
N SER B 163 -9.01 22.52 16.37
CA SER B 163 -10.30 22.17 16.98
CA SER B 163 -10.30 22.16 16.97
C SER B 163 -11.13 23.39 17.33
N ALA B 164 -10.46 24.49 17.65
CA ALA B 164 -11.13 25.73 17.99
C ALA B 164 -11.86 26.35 16.80
N LEU B 165 -11.55 25.87 15.59
CA LEU B 165 -12.24 26.37 14.38
C LEU B 165 -13.61 25.72 14.20
N HIS B 166 -13.82 24.60 14.88
CA HIS B 166 -15.00 23.75 14.71
C HIS B 166 -15.26 23.48 13.21
N PHE B 167 -14.21 23.06 12.51
CA PHE B 167 -14.30 22.68 11.11
C PHE B 167 -15.49 21.76 10.89
N SER B 168 -16.32 22.09 9.90
CA SER B 168 -17.33 21.16 9.45
C SER B 168 -16.66 20.07 8.62
N GLU B 169 -17.39 18.98 8.37
CA GLU B 169 -16.91 17.90 7.51
C GLU B 169 -16.52 18.43 6.14
N ASP B 170 -17.37 19.28 5.56
CA ASP B 170 -17.13 19.78 4.22
C ASP B 170 -15.98 20.79 4.17
N GLU B 171 -15.80 21.54 5.25
CA GLU B 171 -14.67 22.47 5.33
C GLU B 171 -13.35 21.70 5.34
N ILE B 172 -13.29 20.62 6.11
CA ILE B 172 -12.10 19.78 6.16
C ILE B 172 -11.82 19.16 4.81
N ALA B 173 -12.89 18.72 4.13
CA ALA B 173 -12.78 18.12 2.81
C ALA B 173 -12.14 19.07 1.81
N LEU B 174 -12.64 20.30 1.75
CA LEU B 174 -12.15 21.26 0.76
C LEU B 174 -10.75 21.74 1.12
N TYR B 175 -10.51 21.96 2.41
CA TYR B 175 -9.22 22.40 2.90
C TYR B 175 -8.13 21.35 2.64
N THR B 176 -8.41 20.09 2.96
CA THR B 176 -7.45 19.00 2.68
C THR B 176 -7.27 18.72 1.19
N ALA B 177 -8.32 18.91 0.39
CA ALA B 177 -8.11 18.89 -1.06
C ALA B 177 -7.04 19.93 -1.47
N LEU B 178 -7.10 21.13 -0.87
CA LEU B 178 -6.12 22.17 -1.20
C LEU B 178 -4.72 21.93 -0.63
N VAL B 179 -4.64 21.24 0.51
CA VAL B 179 -3.34 20.78 1.01
C VAL B 179 -2.64 19.92 -0.06
N LEU B 180 -3.40 19.00 -0.67
CA LEU B 180 -2.87 18.10 -1.68
C LEU B 180 -2.61 18.74 -3.04
N ILE B 181 -3.58 19.51 -3.54
CA ILE B 181 -3.48 20.05 -4.90
C ILE B 181 -2.79 21.42 -4.84
N ASN B 182 -1.48 21.37 -4.83
CA ASN B 182 -0.64 22.54 -4.64
C ASN B 182 0.43 22.50 -5.72
N ALA B 183 0.35 23.43 -6.67
CA ALA B 183 1.20 23.45 -7.86
C ALA B 183 2.61 23.96 -7.60
N HIS B 184 2.91 24.31 -6.35
CA HIS B 184 4.25 24.76 -5.99
C HIS B 184 5.19 23.62 -5.56
N ARG B 185 4.65 22.39 -5.46
CA ARG B 185 5.45 21.22 -5.11
C ARG B 185 6.59 21.04 -6.11
N PRO B 186 7.85 21.03 -5.64
CA PRO B 186 8.93 20.85 -6.61
C PRO B 186 8.87 19.47 -7.27
N GLY B 187 9.15 19.43 -8.58
CA GLY B 187 9.23 18.16 -9.29
C GLY B 187 8.03 17.82 -10.17
N LEU B 188 7.01 18.67 -10.16
CA LEU B 188 5.84 18.49 -11.02
C LEU B 188 6.20 18.64 -12.49
N GLN B 189 5.74 17.69 -13.31
CA GLN B 189 6.04 17.71 -14.73
C GLN B 189 4.99 18.44 -15.53
N GLU B 190 3.76 18.47 -15.01
CA GLU B 190 2.64 19.17 -15.65
C GLU B 190 2.07 20.20 -14.67
N LYS B 191 2.93 21.13 -14.25
CA LYS B 191 2.59 22.16 -13.27
C LYS B 191 1.31 22.93 -13.65
N ARG B 192 1.21 23.31 -14.91
CA ARG B 192 0.05 24.06 -15.41
C ARG B 192 -1.26 23.30 -15.22
N LYS B 193 -1.20 21.97 -15.35
CA LYS B 193 -2.38 21.15 -15.11
C LYS B 193 -2.76 21.13 -13.63
N VAL B 194 -1.76 21.01 -12.74
CA VAL B 194 -2.01 21.07 -11.30
C VAL B 194 -2.58 22.46 -10.94
N GLU B 195 -2.01 23.52 -11.50
CA GLU B 195 -2.50 24.89 -11.25
C GLU B 195 -4.00 25.04 -11.51
N GLN B 196 -4.45 24.54 -12.65
CA GLN B 196 -5.86 24.66 -13.04
C GLN B 196 -6.80 23.99 -12.05
N LEU B 197 -6.38 22.82 -11.55
CA LEU B 197 -7.16 22.12 -10.54
CA LEU B 197 -7.15 22.11 -10.52
C LEU B 197 -7.13 22.89 -9.22
N GLN B 198 -5.96 23.39 -8.85
CA GLN B 198 -5.80 24.18 -7.65
C GLN B 198 -6.71 25.41 -7.65
N TYR B 199 -6.72 26.14 -8.77
CA TYR B 199 -7.55 27.35 -8.89
C TYR B 199 -9.03 27.06 -8.76
N ASN B 200 -9.49 26.00 -9.40
CA ASN B 200 -10.88 25.58 -9.28
C ASN B 200 -11.28 25.16 -7.86
N LEU B 201 -10.39 24.42 -7.19
CA LEU B 201 -10.61 24.06 -5.79
C LEU B 201 -10.55 25.27 -4.86
N GLU B 202 -9.71 26.25 -5.17
CA GLU B 202 -9.64 27.44 -4.36
C GLU B 202 -10.95 28.21 -4.45
N LEU B 203 -11.46 28.36 -5.67
CA LEU B 203 -12.76 29.04 -5.83
C LEU B 203 -13.88 28.21 -5.19
N ALA B 204 -13.84 26.88 -5.32
CA ALA B 204 -14.82 26.00 -4.67
C ALA B 204 -14.88 26.24 -3.16
N PHE B 205 -13.71 26.31 -2.53
CA PHE B 205 -13.58 26.56 -1.09
C PHE B 205 -14.15 27.92 -0.70
N HIS B 206 -13.70 28.97 -1.38
CA HIS B 206 -14.18 30.32 -1.11
C HIS B 206 -15.69 30.44 -1.28
N HIS B 207 -16.19 29.89 -2.38
CA HIS B 207 -17.60 29.92 -2.71
C HIS B 207 -18.43 29.18 -1.66
N HIS B 208 -17.97 28.01 -1.25
CA HIS B 208 -18.67 27.26 -0.21
C HIS B 208 -18.70 27.96 1.13
N LEU B 209 -17.59 28.58 1.52
CA LEU B 209 -17.57 29.42 2.73
C LEU B 209 -18.56 30.59 2.67
N CYS B 210 -18.71 31.17 1.50
CA CYS B 210 -19.68 32.25 1.30
C CYS B 210 -21.14 31.77 1.42
N LYS B 211 -21.42 30.61 0.85
CA LYS B 211 -22.77 30.02 0.91
C LYS B 211 -23.13 29.59 2.33
N THR B 212 -22.12 29.29 3.14
CA THR B 212 -22.35 28.83 4.51
C THR B 212 -22.11 29.93 5.57
N HIS B 213 -21.78 31.14 5.12
CA HIS B 213 -21.46 32.28 6.00
C HIS B 213 -20.28 32.00 6.93
N ARG B 214 -19.30 31.32 6.37
CA ARG B 214 -18.12 30.88 7.11
C ARG B 214 -16.82 31.49 6.57
N GLN B 215 -16.92 32.61 5.87
CA GLN B 215 -15.72 33.33 5.37
C GLN B 215 -14.72 33.62 6.51
N SER B 216 -15.23 33.78 7.73
CA SER B 216 -14.40 34.01 8.93
C SER B 216 -13.28 32.98 9.15
N ILE B 217 -13.44 31.75 8.67
CA ILE B 217 -12.40 30.73 8.93
C ILE B 217 -11.10 30.95 8.14
N LEU B 218 -11.21 31.65 7.01
CA LEU B 218 -10.04 31.95 6.14
C LEU B 218 -8.87 32.58 6.88
N ALA B 219 -9.15 33.51 7.78
CA ALA B 219 -8.11 34.17 8.57
C ALA B 219 -7.62 33.30 9.73
N LYS B 220 -8.35 32.23 10.03
CA LYS B 220 -8.00 31.40 11.17
C LYS B 220 -7.25 30.12 10.77
N LEU B 221 -7.13 29.89 9.47
CA LEU B 221 -6.39 28.74 8.96
C LEU B 221 -4.92 28.86 9.36
N PRO B 222 -4.22 27.72 9.58
CA PRO B 222 -2.83 27.86 10.04
C PRO B 222 -1.97 28.68 9.08
N PRO B 223 -1.06 29.52 9.62
CA PRO B 223 -0.23 30.35 8.74
C PRO B 223 0.57 29.48 7.78
N LYS B 224 0.96 30.07 6.63
CA LYS B 224 1.74 29.36 5.63
C LYS B 224 3.03 28.82 6.23
N GLY B 225 3.33 27.55 5.94
CA GLY B 225 4.52 26.92 6.46
C GLY B 225 4.33 26.13 7.74
N LYS B 226 3.28 26.44 8.51
CA LYS B 226 3.05 25.79 9.81
C LYS B 226 2.89 24.28 9.69
N LEU B 227 2.04 23.87 8.75
CA LEU B 227 1.78 22.46 8.50
C LEU B 227 3.02 21.72 8.01
N ARG B 228 3.72 22.30 7.04
CA ARG B 228 4.98 21.75 6.51
C ARG B 228 6.04 21.60 7.61
N SER B 229 6.20 22.63 8.44
CA SER B 229 7.18 22.62 9.51
C SER B 229 6.91 21.49 10.49
N LEU B 230 5.63 21.30 10.83
CA LEU B 230 5.24 20.23 11.72
C LEU B 230 5.40 18.87 11.03
N CYS B 231 5.05 18.83 9.74
CA CYS B 231 5.16 17.59 8.99
C CYS B 231 6.60 17.15 8.83
N SER B 232 7.50 18.11 8.59
CA SER B 232 8.93 17.83 8.43
C SER B 232 9.57 17.27 9.71
N GLN B 233 9.14 17.80 10.86
CA GLN B 233 9.64 17.31 12.15
C GLN B 233 9.02 15.96 12.48
N HIS B 234 7.80 15.76 12.03
CA HIS B 234 7.09 14.49 12.16
C HIS B 234 7.80 13.40 11.36
N VAL B 235 7.95 13.65 10.06
CA VAL B 235 8.61 12.72 9.13
C VAL B 235 10.01 12.33 9.60
N GLU B 236 10.75 13.32 10.12
CA GLU B 236 12.09 13.10 10.67
C GLU B 236 12.10 11.99 11.71
N ARG B 237 11.16 12.05 12.66
CA ARG B 237 11.07 11.07 13.74
C ARG B 237 10.61 9.70 13.27
N LEU B 238 9.80 9.69 12.21
CA LEU B 238 9.29 8.44 11.62
C LEU B 238 10.39 7.68 10.88
N GLN B 239 11.21 8.42 10.14
CA GLN B 239 12.34 7.87 9.38
C GLN B 239 13.33 7.12 10.26
N ILE B 240 13.69 7.73 11.41
CA ILE B 240 14.64 7.15 12.37
C ILE B 240 14.10 5.84 12.98
N PHE B 241 12.77 5.71 12.99
CA PHE B 241 12.11 4.51 13.45
C PHE B 241 11.93 3.52 12.28
N VAL C 1 7.42 11.09 3.11
CA VAL C 1 6.96 9.80 2.54
C VAL C 1 7.67 9.54 1.21
N GLU C 2 8.22 8.34 1.05
CA GLU C 2 9.00 8.01 -0.14
C GLU C 2 8.13 7.62 -1.35
N ARG C 3 8.65 7.89 -2.55
CA ARG C 3 7.94 7.66 -3.82
C ARG C 3 7.31 6.27 -3.95
N LEU C 4 8.11 5.24 -3.66
CA LEU C 4 7.67 3.83 -3.74
C LEU C 4 6.43 3.56 -2.87
N GLN C 5 6.47 3.99 -1.61
CA GLN C 5 5.34 3.82 -0.70
CA GLN C 5 5.34 3.82 -0.70
C GLN C 5 4.07 4.48 -1.27
N ILE C 6 4.24 5.68 -1.81
CA ILE C 6 3.13 6.39 -2.43
C ILE C 6 2.67 5.63 -3.68
N PHE C 7 3.61 5.11 -4.44
CA PHE C 7 3.23 4.27 -5.58
C PHE C 7 2.35 3.12 -5.12
N GLN C 8 2.80 2.43 -4.07
CA GLN C 8 2.10 1.27 -3.48
C GLN C 8 0.67 1.62 -3.03
N HIS C 9 0.53 2.75 -2.35
CA HIS C 9 -0.81 3.23 -1.95
C HIS C 9 -1.69 3.42 -3.20
N LEU C 10 -1.13 4.06 -4.22
CA LEU C 10 -1.85 4.35 -5.46
C LEU C 10 -2.26 3.09 -6.20
N HIS C 11 -1.31 2.16 -6.34
CA HIS C 11 -1.56 0.93 -7.11
C HIS C 11 -1.19 -0.32 -6.30
N PRO C 12 -2.09 -0.72 -5.38
CA PRO C 12 -1.82 -1.89 -4.55
C PRO C 12 -1.87 -3.24 -5.31
N ILE C 13 -2.52 -3.26 -6.48
CA ILE C 13 -2.52 -4.45 -7.34
C ILE C 13 -1.69 -4.21 -8.59
C4 3SX D . -5.47 -17.37 -7.92
C14 3SX D . -1.93 -18.16 -2.42
C6 3SX D . -6.89 -16.32 -6.05
C11 3SX D . -3.78 -15.40 -4.00
C7 3SX D . -5.70 -16.39 -5.10
C8 3SX D . -5.45 -17.59 -4.44
C9 3SX D . -4.39 -17.70 -3.57
C10 3SX D . -3.54 -16.62 -3.34
C12 3SX D . -4.86 -15.30 -4.89
C3 3SX D . -5.34 -19.84 -8.26
C1 3SX D . -7.52 -18.72 -8.70
C2 3SX D . -6.01 -18.55 -8.74
N5 3SX D . -6.46 -16.37 -7.46
N13 3SX D . -2.48 -16.79 -2.43
C15 3SX D . -1.13 -18.33 -1.12
N16 3SX D . -0.11 -17.27 -1.11
C17 3SX D . -0.60 -15.88 -1.19
C18 3SX D . -1.43 -15.74 -2.46
C19 3SX D . 1.22 -17.58 -1.07
O20 3SX D . 1.57 -18.74 -1.02
C21 3SX D . 2.29 -16.51 -1.08
S22 3SX D . -6.59 -14.91 -8.26
O23 3SX D . -6.86 -13.97 -7.23
O24 3SX D . -5.42 -14.79 -9.06
C25 3SX D . -8.07 -15.17 -9.31
C26 3SX D . -8.58 -13.95 -10.08
C27 3SX D . -9.39 -13.01 -9.46
C28 3SX D . -9.87 -11.91 -10.17
C29 3SX D . -9.55 -11.76 -11.51
C30 3SX D . -8.75 -12.71 -12.14
C31 3SX D . -8.27 -13.80 -11.42
S SO4 E . -4.68 -16.90 0.91
O1 SO4 E . -4.80 -16.08 -0.31
O2 SO4 E . -5.97 -16.86 1.65
O3 SO4 E . -3.62 -16.33 1.78
O4 SO4 E . -4.34 -18.31 0.51
C4 3SX F . -0.29 10.97 16.64
C14 3SX F . -6.22 9.11 14.62
C6 3SX F . -0.31 8.38 16.84
C11 3SX F . -3.99 8.51 16.04
C7 3SX F . -1.61 8.30 16.07
C8 3SX F . -1.60 7.99 14.71
C9 3SX F . -2.82 7.92 14.02
C10 3SX F . -4.02 8.19 14.69
C12 3SX F . -2.79 8.56 16.73
C3 3SX F . 0.39 10.95 19.12
C1 3SX F . -1.29 12.57 18.30
C2 3SX F . -0.04 11.78 17.92
N5 3SX F . 0.38 9.65 16.58
N13 3SX F . -5.26 8.15 14.04
C15 3SX F . -7.62 8.71 14.16
N16 3SX F . -7.59 8.76 12.68
C17 3SX F . -6.59 7.90 12.00
C18 3SX F . -5.20 8.25 12.57
C19 3SX F . -8.43 9.59 12.01
O20 3SX F . -9.22 10.27 12.63
C21 3SX F . -8.39 9.67 10.50
S22 3SX F . 1.75 9.41 15.67
O23 3SX F . 1.63 8.09 15.14
O24 3SX F . 1.86 10.53 14.77
C25 3SX F . 3.06 9.46 16.94
C26 3SX F . 4.48 9.23 16.44
C27 3SX F . 5.26 10.31 16.03
C28 3SX F . 6.56 10.09 15.60
C29 3SX F . 7.11 8.81 15.59
C30 3SX F . 6.34 7.75 16.02
C31 3SX F . 5.03 7.96 16.45
S SO4 G . -6.22 4.69 15.69
O1 SO4 G . -4.81 5.08 15.93
O2 SO4 G . -7.13 5.68 16.35
O3 SO4 G . -6.48 4.67 14.24
O4 SO4 G . -6.44 3.33 16.24
#